data_8V8Z
#
_entry.id   8V8Z
#
_cell.length_a   37.755
_cell.length_b   75.179
_cell.length_c   93.314
_cell.angle_alpha   90.00
_cell.angle_beta   90.00
_cell.angle_gamma   90.00
#
_symmetry.space_group_name_H-M   'P 21 21 21'
#
loop_
_entity.id
_entity.type
_entity.pdbx_description
1 polymer Apolipoprotein(a)
2 non-polymer muvalaplin
3 water water
#
_entity_poly.entity_id   1
_entity_poly.type   'polypeptide(L)'
_entity_poly.pdbx_seq_one_letter_code
;APTENSTGVQDCYRGDGQSYRGTLSTTITGRTCQSWSSMTPHWHRRIPLYYPNAGLTRNYCRNPDAEIRPWCYTMDPSVR
WEYCNLTRCPVTES
;
_entity_poly.pdbx_strand_id   A,B,C
#
loop_
_chem_comp.id
_chem_comp.type
_chem_comp.name
_chem_comp.formula
A1AAK non-polymer muvalaplin 'C42 H54 N4 O6'
#
# COMPACT_ATOMS: atom_id res chain seq x y z
N ASP A 11 -19.02 -9.01 23.41
CA ASP A 11 -17.94 -9.57 22.56
C ASP A 11 -16.62 -8.83 22.78
N CYS A 12 -15.53 -9.59 22.89
CA CYS A 12 -14.20 -9.02 23.17
C CYS A 12 -13.03 -9.81 22.57
N TYR A 13 -11.84 -9.21 22.62
CA TYR A 13 -10.61 -9.84 22.13
C TYR A 13 -9.53 -9.88 23.22
N ARG A 14 -8.66 -10.89 23.14
CA ARG A 14 -7.53 -11.04 24.06
C ARG A 14 -6.22 -10.76 23.33
N GLY A 15 -5.30 -10.10 24.04
CA GLY A 15 -3.99 -9.72 23.50
C GLY A 15 -4.16 -8.71 22.39
N ASP A 16 -3.63 -9.03 21.21
CA ASP A 16 -3.78 -8.20 20.02
C ASP A 16 -5.00 -8.62 19.18
N GLY A 17 -5.68 -9.67 19.62
CA GLY A 17 -6.89 -10.15 18.95
C GLY A 17 -6.67 -11.07 17.76
N GLN A 18 -5.45 -11.57 17.59
CA GLN A 18 -5.17 -12.58 16.58
C GLN A 18 -6.02 -13.84 16.74
N SER A 19 -6.36 -14.18 17.98
CA SER A 19 -7.21 -15.33 18.29
C SER A 19 -8.73 -15.04 18.19
N TYR A 20 -9.11 -13.78 17.97
CA TYR A 20 -10.53 -13.39 17.93
C TYR A 20 -11.27 -14.05 16.77
N ARG A 21 -12.37 -14.73 17.10
CA ARG A 21 -13.16 -15.48 16.12
C ARG A 21 -14.65 -15.20 16.21
N GLY A 22 -14.99 -14.01 16.69
CA GLY A 22 -16.39 -13.58 16.75
C GLY A 22 -16.91 -13.11 15.40
N THR A 23 -18.11 -12.53 15.42
CA THR A 23 -18.78 -12.18 14.17
C THR A 23 -19.02 -10.67 13.99
N LEU A 24 -18.36 -9.84 14.81
CA LEU A 24 -18.44 -8.40 14.64
C LEU A 24 -17.85 -8.04 13.28
N SER A 25 -18.55 -7.14 12.57
CA SER A 25 -18.20 -6.76 11.20
C SER A 25 -18.47 -5.26 10.99
N THR A 26 -18.23 -4.50 12.04
CA THR A 26 -18.50 -3.07 12.11
C THR A 26 -17.24 -2.41 12.65
N THR A 27 -16.86 -1.30 12.02
CA THR A 27 -15.66 -0.56 12.39
C THR A 27 -15.98 0.43 13.54
N ILE A 28 -14.93 0.97 14.13
CA ILE A 28 -15.02 1.99 15.18
C ILE A 28 -15.79 3.25 14.77
N THR A 29 -15.91 3.51 13.47
CA THR A 29 -16.69 4.66 12.98
C THR A 29 -18.02 4.26 12.34
N GLY A 30 -18.45 3.02 12.61
CA GLY A 30 -19.76 2.52 12.19
C GLY A 30 -19.85 2.09 10.74
N ARG A 31 -18.70 1.87 10.10
CA ARG A 31 -18.68 1.34 8.74
C ARG A 31 -18.75 -0.18 8.72
N THR A 32 -19.27 -0.74 7.63
CA THR A 32 -19.42 -2.18 7.45
C THR A 32 -18.11 -2.75 6.88
N CYS A 33 -17.63 -3.84 7.46
CA CYS A 33 -16.45 -4.52 6.95
C CYS A 33 -16.68 -5.09 5.55
N GLN A 34 -15.66 -4.97 4.72
CA GLN A 34 -15.58 -5.65 3.42
C GLN A 34 -15.22 -7.12 3.64
N SER A 35 -15.74 -7.99 2.77
CA SER A 35 -15.37 -9.41 2.79
CA SER A 35 -15.38 -9.42 2.76
C SER A 35 -13.90 -9.63 2.45
N TRP A 36 -13.26 -10.47 3.26
CA TRP A 36 -11.86 -10.88 3.06
C TRP A 36 -11.60 -11.55 1.71
N SER A 37 -12.65 -12.13 1.11
CA SER A 37 -12.49 -12.80 -0.17
CA SER A 37 -12.57 -12.83 -0.16
C SER A 37 -12.88 -11.90 -1.36
N SER A 38 -13.20 -10.64 -1.07
CA SER A 38 -13.46 -9.67 -2.14
C SER A 38 -12.30 -8.69 -2.29
N MET A 39 -12.12 -8.20 -3.53
CA MET A 39 -11.13 -7.16 -3.85
C MET A 39 -11.78 -5.78 -4.00
N THR A 40 -13.09 -5.71 -3.73
CA THR A 40 -13.90 -4.51 -3.94
C THR A 40 -14.54 -4.07 -2.60
N PRO A 41 -14.36 -2.81 -2.17
CA PRO A 41 -13.70 -1.75 -2.96
C PRO A 41 -12.18 -1.64 -2.77
N HIS A 42 -11.61 -2.45 -1.89
CA HIS A 42 -10.17 -2.39 -1.61
C HIS A 42 -9.48 -3.68 -1.99
N TRP A 43 -8.55 -3.58 -2.94
CA TRP A 43 -7.74 -4.71 -3.38
C TRP A 43 -6.74 -4.99 -2.28
N HIS A 44 -6.58 -6.26 -1.92
CA HIS A 44 -5.72 -6.60 -0.77
C HIS A 44 -5.12 -7.99 -0.87
N ARG A 45 -4.19 -8.29 0.03
CA ARG A 45 -3.56 -9.61 0.09
C ARG A 45 -3.88 -10.42 1.35
N ARG A 46 -4.78 -9.88 2.19
CA ARG A 46 -5.27 -10.57 3.38
C ARG A 46 -6.38 -11.57 3.03
N ILE A 47 -5.96 -12.61 2.31
CA ILE A 47 -6.87 -13.64 1.78
C ILE A 47 -6.59 -15.00 2.46
N PRO A 48 -7.65 -15.87 2.55
CA PRO A 48 -7.52 -17.18 3.19
C PRO A 48 -6.34 -18.02 2.69
N LEU A 49 -6.09 -17.98 1.37
CA LEU A 49 -4.94 -18.63 0.76
C LEU A 49 -3.61 -18.25 1.44
N TYR A 50 -3.44 -16.96 1.74
CA TYR A 50 -2.19 -16.46 2.33
C TYR A 50 -2.18 -16.42 3.86
N TYR A 51 -3.36 -16.53 4.48
CA TYR A 51 -3.49 -16.54 5.94
C TYR A 51 -4.44 -17.66 6.39
N PRO A 52 -4.08 -18.94 6.16
CA PRO A 52 -5.04 -20.04 6.30
C PRO A 52 -5.45 -20.34 7.75
N ASN A 53 -4.70 -19.83 8.72
CA ASN A 53 -5.01 -20.06 10.13
C ASN A 53 -5.67 -18.87 10.85
N ALA A 54 -5.91 -17.79 10.10
CA ALA A 54 -6.38 -16.52 10.67
C ALA A 54 -7.90 -16.36 10.71
N GLY A 55 -8.64 -17.35 10.21
CA GLY A 55 -10.12 -17.34 10.22
C GLY A 55 -10.76 -16.21 9.44
N LEU A 56 -10.28 -15.98 8.23
CA LEU A 56 -10.78 -14.89 7.38
C LEU A 56 -12.11 -15.25 6.70
N THR A 57 -13.13 -15.33 7.54
CA THR A 57 -14.47 -15.78 7.17
C THR A 57 -15.34 -14.55 6.96
N ARG A 58 -16.11 -14.58 5.86
CA ARG A 58 -17.04 -13.52 5.47
C ARG A 58 -16.35 -12.16 5.59
N ASN A 59 -16.99 -11.23 6.30
CA ASN A 59 -16.43 -9.90 6.58
C ASN A 59 -16.20 -9.67 8.08
N TYR A 60 -15.86 -10.72 8.81
CA TYR A 60 -15.67 -10.61 10.25
C TYR A 60 -14.34 -9.94 10.60
N CYS A 61 -14.38 -9.09 11.62
CA CYS A 61 -13.19 -8.45 12.16
C CYS A 61 -12.15 -9.47 12.57
N ARG A 62 -10.94 -9.30 12.07
CA ARG A 62 -9.85 -10.25 12.31
C ARG A 62 -8.51 -9.51 12.46
N ASN A 63 -7.46 -10.26 12.81
CA ASN A 63 -6.10 -9.72 12.84
C ASN A 63 -5.08 -10.70 12.23
N PRO A 64 -5.09 -10.84 10.89
CA PRO A 64 -4.16 -11.78 10.23
C PRO A 64 -2.69 -11.35 10.26
N ASP A 65 -2.43 -10.05 10.40
CA ASP A 65 -1.09 -9.49 10.20
C ASP A 65 -0.55 -8.72 11.41
N ALA A 66 -1.00 -9.11 12.60
CA ALA A 66 -0.47 -8.63 13.88
C ALA A 66 -0.52 -7.10 14.10
N GLU A 67 -1.64 -6.49 13.73
CA GLU A 67 -1.96 -5.12 14.18
C GLU A 67 -2.22 -5.14 15.69
N ILE A 68 -2.51 -3.96 16.28
CA ILE A 68 -2.73 -3.87 17.74
C ILE A 68 -4.03 -4.50 18.24
N ARG A 69 -5.03 -4.58 17.35
CA ARG A 69 -6.38 -5.09 17.65
C ARG A 69 -7.06 -5.55 16.35
N PRO A 70 -8.20 -6.30 16.44
CA PRO A 70 -8.86 -6.70 15.20
C PRO A 70 -9.35 -5.52 14.35
N TRP A 71 -9.37 -5.75 13.04
CA TRP A 71 -9.65 -4.73 12.04
C TRP A 71 -10.30 -5.38 10.83
N CYS A 72 -10.70 -4.56 9.85
CA CYS A 72 -11.15 -5.04 8.55
C CYS A 72 -10.97 -3.94 7.52
N TYR A 73 -10.99 -4.32 6.25
CA TYR A 73 -11.21 -3.37 5.16
C TYR A 73 -12.66 -2.94 5.21
N THR A 74 -12.96 -1.73 4.77
CA THR A 74 -14.32 -1.18 4.90
C THR A 74 -15.02 -1.11 3.55
N MET A 75 -16.35 -1.14 3.57
CA MET A 75 -17.17 -1.00 2.35
C MET A 75 -17.19 0.41 1.77
N ASP A 76 -16.65 1.36 2.53
CA ASP A 76 -16.48 2.74 2.10
C ASP A 76 -15.25 2.82 1.18
N PRO A 77 -15.44 3.14 -0.12
CA PRO A 77 -14.29 3.26 -1.03
C PRO A 77 -13.20 4.25 -0.54
N SER A 78 -13.61 5.28 0.22
CA SER A 78 -12.70 6.32 0.69
CA SER A 78 -12.70 6.33 0.69
C SER A 78 -11.99 5.99 2.00
N VAL A 79 -12.36 4.86 2.62
CA VAL A 79 -11.73 4.40 3.86
C VAL A 79 -11.26 2.95 3.70
N ARG A 80 -9.96 2.78 3.46
CA ARG A 80 -9.39 1.47 3.14
C ARG A 80 -9.61 0.42 4.26
N TRP A 81 -9.13 0.73 5.46
CA TRP A 81 -9.27 -0.17 6.60
C TRP A 81 -9.35 0.58 7.92
N GLU A 82 -10.01 -0.03 8.90
CA GLU A 82 -10.17 0.52 10.24
C GLU A 82 -10.17 -0.59 11.26
N TYR A 83 -9.81 -0.25 12.49
CA TYR A 83 -10.05 -1.09 13.66
C TYR A 83 -11.54 -1.29 13.89
N CYS A 84 -11.86 -2.43 14.49
CA CYS A 84 -13.24 -2.80 14.77
C CYS A 84 -13.72 -2.31 16.11
N ASN A 85 -15.03 -2.10 16.18
CA ASN A 85 -15.70 -1.59 17.36
C ASN A 85 -15.80 -2.67 18.44
N LEU A 86 -14.64 -3.00 19.00
CA LEU A 86 -14.49 -4.19 19.82
C LEU A 86 -13.58 -3.86 20.98
N THR A 87 -14.01 -4.24 22.18
CA THR A 87 -13.28 -3.91 23.40
C THR A 87 -12.38 -5.07 23.84
N ARG A 88 -11.37 -4.75 24.65
CA ARG A 88 -10.43 -5.74 25.17
C ARG A 88 -11.03 -6.49 26.36
N CYS A 89 -10.85 -7.81 26.39
CA CYS A 89 -11.47 -8.70 27.38
C CYS A 89 -11.08 -8.40 28.84
N PRO A 90 -12.01 -8.63 29.79
CA PRO A 90 -11.68 -8.60 31.22
C PRO A 90 -10.76 -9.75 31.62
N ASP B 11 -10.38 23.81 -19.33
CA ASP B 11 -10.38 22.42 -18.78
C ASP B 11 -10.39 22.42 -17.26
N CYS B 12 -11.35 21.68 -16.69
CA CYS B 12 -11.59 21.66 -15.24
C CYS B 12 -12.41 20.43 -14.84
N TYR B 13 -12.57 20.23 -13.52
CA TYR B 13 -13.42 19.14 -13.02
C TYR B 13 -14.62 19.67 -12.23
N ARG B 14 -15.66 18.84 -12.12
CA ARG B 14 -16.83 19.15 -11.30
C ARG B 14 -16.95 18.17 -10.15
N GLY B 15 -17.44 18.67 -9.01
CA GLY B 15 -17.59 17.87 -7.79
C GLY B 15 -16.25 17.31 -7.37
N ASP B 16 -16.18 15.99 -7.20
CA ASP B 16 -14.93 15.33 -6.87
C ASP B 16 -14.16 14.85 -8.12
N GLY B 17 -14.68 15.21 -9.29
CA GLY B 17 -14.04 14.90 -10.56
C GLY B 17 -14.09 13.45 -10.98
N GLN B 18 -14.98 12.66 -10.38
CA GLN B 18 -15.20 11.28 -10.85
C GLN B 18 -15.70 11.25 -12.29
N SER B 19 -16.32 12.35 -12.72
CA SER B 19 -16.83 12.52 -14.08
C SER B 19 -15.78 13.04 -15.07
N TYR B 20 -14.65 13.54 -14.57
CA TYR B 20 -13.62 14.13 -15.44
C TYR B 20 -13.10 13.13 -16.47
N ARG B 21 -13.14 13.54 -17.73
CA ARG B 21 -12.71 12.68 -18.84
C ARG B 21 -11.87 13.45 -19.87
N GLY B 22 -11.26 14.55 -19.41
CA GLY B 22 -10.35 15.34 -20.22
C GLY B 22 -8.98 14.71 -20.37
N THR B 23 -8.01 15.52 -20.81
CA THR B 23 -6.72 15.01 -21.27
C THR B 23 -5.52 15.44 -20.43
N LEU B 24 -5.74 16.26 -19.41
CA LEU B 24 -4.66 16.67 -18.50
C LEU B 24 -3.92 15.43 -17.95
N SER B 25 -2.59 15.52 -17.93
CA SER B 25 -1.73 14.39 -17.61
C SER B 25 -0.52 14.84 -16.78
N THR B 26 -0.76 15.89 -16.00
CA THR B 26 0.25 16.58 -15.20
C THR B 26 -0.26 16.81 -13.78
N THR B 27 0.63 16.60 -12.81
CA THR B 27 0.29 16.73 -11.39
C THR B 27 0.44 18.16 -10.88
N ILE B 28 -0.01 18.40 -9.64
CA ILE B 28 0.11 19.71 -8.98
C ILE B 28 1.56 20.15 -8.71
N THR B 29 2.53 19.26 -8.95
CA THR B 29 3.95 19.62 -8.88
C THR B 29 4.64 19.63 -10.24
N GLY B 30 3.89 19.38 -11.31
CA GLY B 30 4.44 19.37 -12.66
C GLY B 30 4.93 18.04 -13.19
N ARG B 31 4.83 16.97 -12.37
CA ARG B 31 5.20 15.63 -12.79
C ARG B 31 4.22 15.08 -13.82
N THR B 32 4.73 14.23 -14.71
CA THR B 32 3.93 13.54 -15.71
C THR B 32 3.28 12.32 -15.08
N CYS B 33 2.00 12.10 -15.40
CA CYS B 33 1.26 10.92 -15.01
C CYS B 33 1.83 9.67 -15.67
N GLN B 34 1.89 8.60 -14.89
CA GLN B 34 2.09 7.25 -15.39
C GLN B 34 0.79 6.77 -16.05
N SER B 35 0.91 5.88 -17.04
CA SER B 35 -0.24 5.22 -17.64
C SER B 35 -0.91 4.24 -16.70
N TRP B 36 -2.24 4.26 -16.70
CA TRP B 36 -3.05 3.34 -15.89
C TRP B 36 -2.78 1.88 -16.23
N SER B 37 -2.58 1.56 -17.51
CA SER B 37 -2.25 0.19 -17.93
C SER B 37 -0.83 -0.28 -17.52
N SER B 38 0.05 0.67 -17.21
CA SER B 38 1.43 0.37 -16.82
C SER B 38 1.58 0.11 -15.32
N MET B 39 2.47 -0.82 -14.99
CA MET B 39 2.81 -1.14 -13.59
C MET B 39 4.16 -0.56 -13.18
N THR B 40 4.72 0.30 -14.03
CA THR B 40 6.05 0.89 -13.81
C THR B 40 6.02 2.42 -14.01
N PRO B 41 6.64 3.21 -13.12
CA PRO B 41 7.38 2.72 -11.93
C PRO B 41 6.52 2.31 -10.73
N HIS B 42 5.21 2.45 -10.82
CA HIS B 42 4.33 2.12 -9.70
C HIS B 42 3.36 0.99 -10.02
N TRP B 43 3.49 -0.11 -9.29
CA TRP B 43 2.57 -1.24 -9.39
C TRP B 43 1.29 -0.86 -8.66
N HIS B 44 0.15 -1.11 -9.29
CA HIS B 44 -1.16 -0.70 -8.75
C HIS B 44 -2.30 -1.55 -9.29
N ARG B 45 -3.50 -1.36 -8.72
CA ARG B 45 -4.71 -2.04 -9.18
C ARG B 45 -5.84 -1.10 -9.62
N ARG B 46 -5.47 0.14 -9.98
CA ARG B 46 -6.42 1.05 -10.61
C ARG B 46 -6.44 0.76 -12.11
N ILE B 47 -7.02 -0.40 -12.42
CA ILE B 47 -7.09 -0.96 -13.77
C ILE B 47 -8.57 -1.18 -14.15
N PRO B 48 -8.89 -1.10 -15.46
CA PRO B 48 -10.27 -1.34 -15.95
C PRO B 48 -10.99 -2.57 -15.40
N LEU B 49 -10.25 -3.63 -15.05
CA LEU B 49 -10.82 -4.83 -14.45
C LEU B 49 -11.63 -4.52 -13.18
N TYR B 50 -11.05 -3.73 -12.28
CA TYR B 50 -11.73 -3.31 -11.05
C TYR B 50 -12.46 -1.97 -11.19
N TYR B 51 -12.20 -1.24 -12.27
CA TYR B 51 -12.82 0.08 -12.53
C TYR B 51 -13.32 0.25 -13.98
N PRO B 52 -14.33 -0.57 -14.39
CA PRO B 52 -14.81 -0.54 -15.78
C PRO B 52 -15.44 0.79 -16.24
N ASN B 53 -16.05 1.53 -15.31
CA ASN B 53 -16.72 2.80 -15.61
C ASN B 53 -15.84 4.05 -15.53
N ALA B 54 -14.61 3.88 -15.04
CA ALA B 54 -13.76 5.01 -14.63
C ALA B 54 -13.01 5.77 -15.74
N GLY B 55 -13.13 5.33 -16.99
CA GLY B 55 -12.42 5.96 -18.13
C GLY B 55 -10.91 6.02 -18.01
N LEU B 56 -10.32 4.94 -17.49
CA LEU B 56 -8.88 4.87 -17.22
C LEU B 56 -8.10 4.64 -18.52
N THR B 57 -7.89 5.75 -19.24
CA THR B 57 -7.26 5.79 -20.56
C THR B 57 -5.90 6.48 -20.46
N ARG B 58 -4.93 5.94 -21.20
CA ARG B 58 -3.58 6.51 -21.33
C ARG B 58 -2.99 6.82 -19.94
N ASN B 59 -2.50 8.04 -19.78
CA ASN B 59 -2.04 8.55 -18.50
C ASN B 59 -2.87 9.77 -18.08
N TYR B 60 -4.17 9.76 -18.40
CA TYR B 60 -5.02 10.91 -18.09
C TYR B 60 -5.42 10.93 -16.62
N CYS B 61 -5.45 12.13 -16.04
CA CYS B 61 -5.93 12.36 -14.69
C CYS B 61 -7.35 11.86 -14.53
N ARG B 62 -7.57 11.04 -13.52
CA ARG B 62 -8.86 10.40 -13.29
C ARG B 62 -9.14 10.31 -11.79
N ASN B 63 -10.37 9.99 -11.43
CA ASN B 63 -10.69 9.70 -10.05
C ASN B 63 -11.54 8.44 -9.97
N PRO B 64 -10.92 7.25 -10.14
CA PRO B 64 -11.68 6.00 -10.11
C PRO B 64 -12.22 5.62 -8.72
N ASP B 65 -11.51 6.03 -7.67
CA ASP B 65 -11.67 5.45 -6.33
C ASP B 65 -12.11 6.45 -5.24
N ALA B 66 -12.81 7.51 -5.65
CA ALA B 66 -13.41 8.50 -4.73
C ALA B 66 -12.38 9.26 -3.87
N GLU B 67 -11.29 9.70 -4.48
CA GLU B 67 -10.43 10.74 -3.90
C GLU B 67 -11.22 12.05 -3.97
N ILE B 68 -10.70 13.12 -3.37
CA ILE B 68 -11.44 14.41 -3.39
C ILE B 68 -11.37 15.15 -4.74
N ARG B 69 -10.44 14.73 -5.60
CA ARG B 69 -10.22 15.35 -6.93
C ARG B 69 -9.42 14.40 -7.84
N PRO B 70 -9.43 14.63 -9.18
CA PRO B 70 -8.64 13.78 -10.08
C PRO B 70 -7.15 13.72 -9.75
N TRP B 71 -6.55 12.57 -9.99
CA TRP B 71 -5.18 12.29 -9.59
C TRP B 71 -4.61 11.31 -10.61
N CYS B 72 -3.31 11.03 -10.50
CA CYS B 72 -2.69 9.93 -11.26
C CYS B 72 -1.47 9.43 -10.50
N TYR B 73 -1.08 8.18 -10.78
CA TYR B 73 0.26 7.70 -10.46
C TYR B 73 1.26 8.53 -11.28
N THR B 74 2.44 8.83 -10.70
CA THR B 74 3.40 9.72 -11.37
C THR B 74 4.57 8.93 -11.95
N MET B 75 5.21 9.50 -12.97
CA MET B 75 6.38 8.89 -13.61
C MET B 75 7.65 8.96 -12.74
N ASP B 76 7.59 9.77 -11.68
CA ASP B 76 8.67 9.89 -10.72
C ASP B 76 8.62 8.65 -9.81
N PRO B 77 9.71 7.82 -9.82
CA PRO B 77 9.72 6.62 -8.96
C PRO B 77 9.61 6.95 -7.47
N SER B 78 10.03 8.16 -7.09
CA SER B 78 9.97 8.64 -5.70
C SER B 78 8.56 8.97 -5.22
N VAL B 79 7.70 9.39 -6.14
CA VAL B 79 6.37 9.89 -5.80
C VAL B 79 5.31 8.99 -6.45
N ARG B 80 4.62 8.21 -5.61
CA ARG B 80 3.68 7.19 -6.08
C ARG B 80 2.50 7.82 -6.83
N TRP B 81 1.81 8.76 -6.19
CA TRP B 81 0.65 9.40 -6.81
C TRP B 81 0.46 10.82 -6.29
N GLU B 82 -0.17 11.67 -7.09
CA GLU B 82 -0.49 13.04 -6.71
C GLU B 82 -1.80 13.46 -7.33
N TYR B 83 -2.42 14.49 -6.74
CA TYR B 83 -3.52 15.21 -7.40
C TYR B 83 -3.03 15.91 -8.66
N CYS B 84 -3.93 16.09 -9.61
CA CYS B 84 -3.61 16.72 -10.88
C CYS B 84 -3.76 18.23 -10.84
N ASN B 85 -3.00 18.91 -11.70
CA ASN B 85 -3.01 20.36 -11.82
C ASN B 85 -4.28 20.85 -12.56
N LEU B 86 -5.40 20.63 -11.90
CA LEU B 86 -6.72 20.83 -12.48
C LEU B 86 -7.53 21.66 -11.50
N THR B 87 -8.25 22.65 -12.03
CA THR B 87 -9.12 23.50 -11.21
C THR B 87 -10.58 23.00 -11.25
N ARG B 88 -11.36 23.40 -10.25
CA ARG B 88 -12.78 23.06 -10.20
C ARG B 88 -13.57 24.05 -11.05
N CYS B 89 -14.47 23.53 -11.90
CA CYS B 89 -15.30 24.35 -12.80
C CYS B 89 -16.22 25.32 -12.05
N ASP C 11 30.52 2.51 7.58
CA ASP C 11 29.31 1.94 6.91
C ASP C 11 28.21 3.01 6.75
N CYS C 12 28.12 3.55 5.53
CA CYS C 12 27.21 4.66 5.23
C CYS C 12 26.77 4.62 3.77
N TYR C 13 25.79 5.45 3.39
CA TYR C 13 25.32 5.53 2.01
C TYR C 13 25.70 6.83 1.31
N ARG C 14 25.83 6.75 -0.02
CA ARG C 14 26.18 7.90 -0.86
C ARG C 14 25.01 8.25 -1.77
N GLY C 15 24.72 9.56 -1.84
CA GLY C 15 23.54 10.06 -2.55
C GLY C 15 22.30 9.68 -1.78
N ASP C 16 21.38 9.00 -2.45
CA ASP C 16 20.20 8.40 -1.80
C ASP C 16 20.41 6.90 -1.53
N GLY C 17 21.63 6.43 -1.81
CA GLY C 17 22.07 5.07 -1.49
C GLY C 17 21.67 3.98 -2.46
N GLN C 18 21.36 4.34 -3.71
CA GLN C 18 21.12 3.37 -4.80
C GLN C 18 22.31 2.44 -5.03
N SER C 19 23.50 2.99 -4.84
CA SER C 19 24.75 2.29 -5.04
C SER C 19 25.14 1.36 -3.88
N TYR C 20 24.51 1.55 -2.71
CA TYR C 20 24.88 0.85 -1.47
C TYR C 20 24.76 -0.66 -1.58
N ARG C 21 25.85 -1.37 -1.26
CA ARG C 21 25.90 -2.84 -1.25
C ARG C 21 26.51 -3.41 0.03
N GLY C 22 26.39 -2.67 1.13
CA GLY C 22 26.79 -3.18 2.45
C GLY C 22 25.84 -4.24 2.98
N THR C 23 26.10 -4.70 4.20
CA THR C 23 25.39 -5.85 4.76
C THR C 23 24.50 -5.51 5.95
N LEU C 24 24.23 -4.21 6.14
CA LEU C 24 23.24 -3.80 7.12
C LEU C 24 21.87 -4.38 6.76
N SER C 25 21.16 -4.86 7.79
CA SER C 25 19.85 -5.46 7.66
C SER C 25 18.97 -5.04 8.84
N THR C 26 19.21 -3.83 9.35
CA THR C 26 18.51 -3.32 10.52
C THR C 26 17.91 -1.95 10.22
N THR C 27 16.65 -1.78 10.60
CA THR C 27 15.88 -0.55 10.36
C THR C 27 16.11 0.54 11.42
N ILE C 28 15.50 1.71 11.22
CA ILE C 28 15.63 2.84 12.17
C ILE C 28 15.03 2.57 13.56
N THR C 29 13.95 1.79 13.62
CA THR C 29 13.38 1.33 14.90
C THR C 29 13.99 0.01 15.39
N GLY C 30 15.10 -0.41 14.77
CA GLY C 30 15.84 -1.59 15.20
C GLY C 30 15.25 -2.95 14.83
N ARG C 31 14.29 -2.96 13.91
CA ARG C 31 13.72 -4.20 13.36
C ARG C 31 14.67 -4.80 12.30
N THR C 32 14.50 -6.08 11.99
CA THR C 32 15.36 -6.76 11.00
C THR C 32 14.65 -6.89 9.65
N CYS C 33 15.42 -6.68 8.56
CA CYS C 33 14.89 -6.78 7.21
C CYS C 33 14.41 -8.19 6.86
N GLN C 34 13.29 -8.25 6.15
CA GLN C 34 12.82 -9.44 5.42
C GLN C 34 13.74 -9.65 4.21
N SER C 35 13.95 -10.90 3.80
CA SER C 35 14.66 -11.23 2.56
C SER C 35 13.88 -10.77 1.33
N TRP C 36 14.60 -10.17 0.39
CA TRP C 36 14.01 -9.64 -0.85
C TRP C 36 13.30 -10.72 -1.66
N SER C 37 13.88 -11.92 -1.68
CA SER C 37 13.29 -13.05 -2.43
C SER C 37 12.05 -13.60 -1.73
N SER C 38 12.08 -13.60 -0.40
CA SER C 38 10.93 -14.03 0.41
C SER C 38 9.72 -13.11 0.22
N MET C 39 8.53 -13.73 0.21
CA MET C 39 7.25 -13.01 0.09
C MET C 39 6.50 -12.93 1.42
N THR C 40 7.14 -13.42 2.48
CA THR C 40 6.53 -13.46 3.81
C THR C 40 7.47 -12.79 4.83
N PRO C 41 6.97 -11.95 5.76
CA PRO C 41 5.52 -11.68 5.94
C PRO C 41 4.87 -10.71 4.94
N HIS C 42 5.69 -10.01 4.16
CA HIS C 42 5.18 -9.01 3.21
C HIS C 42 5.37 -9.43 1.77
N TRP C 43 4.25 -9.47 1.04
CA TRP C 43 4.25 -9.70 -0.39
C TRP C 43 4.64 -8.38 -1.05
N HIS C 44 5.51 -8.44 -2.05
CA HIS C 44 6.04 -7.22 -2.68
C HIS C 44 6.57 -7.44 -4.09
N ARG C 45 6.81 -6.32 -4.79
CA ARG C 45 7.29 -6.32 -6.18
C ARG C 45 8.81 -6.16 -6.32
N ARG C 46 9.47 -5.67 -5.27
CA ARG C 46 10.91 -5.40 -5.28
C ARG C 46 11.77 -6.66 -5.22
N ILE C 47 11.76 -7.42 -6.32
CA ILE C 47 12.54 -8.66 -6.48
C ILE C 47 13.58 -8.51 -7.60
N PRO C 48 14.61 -9.39 -7.65
CA PRO C 48 15.62 -9.38 -8.73
C PRO C 48 15.08 -9.26 -10.18
N LEU C 49 13.87 -9.75 -10.43
CA LEU C 49 13.24 -9.68 -11.76
C LEU C 49 12.91 -8.23 -12.19
N TYR C 50 12.14 -7.52 -11.38
CA TYR C 50 11.67 -6.16 -11.73
C TYR C 50 12.66 -5.04 -11.42
N TYR C 51 13.71 -5.36 -10.66
CA TYR C 51 14.81 -4.44 -10.38
C TYR C 51 16.13 -5.23 -10.47
N PRO C 52 16.67 -5.40 -11.71
CA PRO C 52 17.76 -6.35 -11.98
C PRO C 52 19.17 -5.99 -11.49
N ASN C 53 19.48 -4.71 -11.39
CA ASN C 53 20.84 -4.25 -11.01
C ASN C 53 20.95 -3.73 -9.57
N ALA C 54 19.87 -3.89 -8.80
CA ALA C 54 19.72 -3.25 -7.48
C ALA C 54 20.45 -3.94 -6.31
N GLY C 55 21.04 -5.11 -6.57
CA GLY C 55 21.74 -5.89 -5.54
C GLY C 55 20.80 -6.39 -4.46
N LEU C 56 19.63 -6.89 -4.85
CA LEU C 56 18.62 -7.36 -3.90
C LEU C 56 18.96 -8.75 -3.36
N THR C 57 19.90 -8.75 -2.43
CA THR C 57 20.58 -9.94 -1.92
C THR C 57 20.20 -10.15 -0.45
N ARG C 58 20.01 -11.41 -0.07
CA ARG C 58 19.64 -11.81 1.30
C ARG C 58 18.56 -10.85 1.85
N ASN C 59 18.81 -10.26 3.01
CA ASN C 59 17.92 -9.26 3.57
C ASN C 59 18.64 -7.92 3.76
N TYR C 60 19.52 -7.58 2.83
CA TYR C 60 20.34 -6.37 2.96
C TYR C 60 19.57 -5.10 2.60
N CYS C 61 19.78 -4.05 3.38
CA CYS C 61 19.21 -2.72 3.14
C CYS C 61 19.61 -2.21 1.76
N ARG C 62 18.60 -1.89 0.95
CA ARG C 62 18.84 -1.39 -0.42
C ARG C 62 17.91 -0.21 -0.74
N ASN C 63 18.22 0.50 -1.84
CA ASN C 63 17.33 1.49 -2.39
C ASN C 63 17.14 1.27 -3.89
N PRO C 64 16.23 0.36 -4.26
CA PRO C 64 15.98 0.12 -5.69
C PRO C 64 14.93 1.06 -6.32
N ASP C 65 14.07 1.66 -5.50
CA ASP C 65 12.89 2.35 -6.00
C ASP C 65 12.87 3.87 -5.69
N ALA C 66 14.07 4.44 -5.61
CA ALA C 66 14.29 5.90 -5.50
C ALA C 66 13.67 6.56 -4.26
N GLU C 67 13.77 5.88 -3.13
CA GLU C 67 13.49 6.47 -1.82
C GLU C 67 14.59 7.47 -1.44
N ILE C 68 14.41 8.19 -0.34
CA ILE C 68 15.42 9.17 0.13
C ILE C 68 16.73 8.52 0.63
N ARG C 69 16.63 7.27 1.11
CA ARG C 69 17.74 6.51 1.69
C ARG C 69 17.50 4.98 1.54
N PRO C 70 18.52 4.12 1.81
CA PRO C 70 18.25 2.67 1.77
C PRO C 70 17.22 2.19 2.81
N TRP C 71 16.50 1.15 2.45
CA TRP C 71 15.34 0.67 3.21
C TRP C 71 15.17 -0.83 3.01
N CYS C 72 14.21 -1.41 3.74
CA CYS C 72 13.80 -2.80 3.51
C CYS C 72 12.40 -3.06 4.06
N TYR C 73 11.81 -4.14 3.57
CA TYR C 73 10.66 -4.76 4.23
C TYR C 73 11.12 -5.41 5.53
N THR C 74 10.26 -5.38 6.56
CA THR C 74 10.67 -5.85 7.90
C THR C 74 10.09 -7.21 8.25
N MET C 75 10.77 -7.91 9.15
CA MET C 75 10.29 -9.19 9.71
C MET C 75 9.00 -9.06 10.53
N ASP C 76 8.67 -7.84 10.96
CA ASP C 76 7.40 -7.56 11.65
C ASP C 76 6.24 -7.56 10.66
N PRO C 77 5.23 -8.47 10.86
CA PRO C 77 4.14 -8.64 9.89
C PRO C 77 3.25 -7.40 9.71
N SER C 78 3.22 -6.53 10.72
CA SER C 78 2.42 -5.30 10.68
C SER C 78 3.17 -4.17 9.99
N VAL C 79 4.46 -4.02 10.31
CA VAL C 79 5.30 -2.95 9.77
C VAL C 79 5.87 -3.38 8.42
N ARG C 80 5.24 -2.90 7.35
CA ARG C 80 5.59 -3.31 6.00
C ARG C 80 7.05 -3.05 5.64
N TRP C 81 7.46 -1.79 5.72
CA TRP C 81 8.81 -1.37 5.33
C TRP C 81 9.28 -0.16 6.13
N GLU C 82 10.59 -0.07 6.34
CA GLU C 82 11.22 1.03 7.05
C GLU C 82 12.56 1.40 6.42
N TYR C 83 13.01 2.64 6.68
CA TYR C 83 14.36 3.06 6.35
C TYR C 83 15.37 2.40 7.28
N CYS C 84 16.54 2.09 6.75
CA CYS C 84 17.57 1.40 7.51
C CYS C 84 18.40 2.33 8.39
N ASN C 85 18.95 1.77 9.48
CA ASN C 85 19.80 2.53 10.41
C ASN C 85 21.20 2.77 9.82
N LEU C 86 21.24 3.66 8.83
CA LEU C 86 22.42 3.99 8.06
C LEU C 86 22.39 5.49 7.81
N THR C 87 23.45 6.18 8.21
CA THR C 87 23.57 7.63 7.96
C THR C 87 24.32 7.86 6.65
N ARG C 88 24.15 9.05 6.06
CA ARG C 88 24.84 9.45 4.83
CA ARG C 88 24.84 9.44 4.83
C ARG C 88 26.33 9.62 5.10
N CYS C 89 27.16 9.30 4.10
CA CYS C 89 28.62 9.48 4.20
C CYS C 89 28.97 10.97 4.21
N PRO C 90 29.94 11.40 5.06
CA PRO C 90 30.25 12.82 5.26
C PRO C 90 30.77 13.55 4.01
O1 A1AAK D . -2.75 2.55 -5.15
C7 A1AAK D . 3.88 -0.35 -4.02
O2 A1AAK D . -3.53 -3.69 2.90
C6 A1AAK D . 3.74 0.49 -2.93
C1 A1AAK D . 8.40 0.40 -0.83
N1 A1AAK D . -0.22 -0.98 -1.13
C5 A1AAK D . 4.95 1.22 -2.38
C4 A1AAK D . 6.09 0.31 -1.91
C3 A1AAK D . 7.59 2.37 -1.85
C2 A1AAK D . 9.39 1.52 -0.46
O5 A1AAK D . 5.03 -0.62 0.01
C41 A1AAK D . 5.58 -0.87 -1.08
O4 A1AAK D . 5.76 -2.02 -1.55
C A1AAK D . 7.08 1.15 -1.09
N A1AAK D . 8.86 2.74 -1.15
C11 A1AAK D . 2.50 0.64 -2.35
C10 A1AAK D . 1.38 -0.03 -2.83
C9 A1AAK D . 1.54 -0.88 -3.92
C8 A1AAK D . 2.78 -1.03 -4.52
C12 A1AAK D . 0.05 0.12 -2.15
C27 A1AAK D . 0.93 -1.20 -0.17
C28 A1AAK D . 0.64 -2.30 0.83
C33 A1AAK D . 0.18 -2.01 2.10
C32 A1AAK D . -0.11 -3.02 3.02
C34 A1AAK D . -0.62 -2.68 4.40
C35 A1AAK D . -2.01 -3.27 4.69
C37 A1AAK D . -2.46 -2.84 6.10
C40 A1AAK D . -1.57 -3.42 7.19
N3 A1AAK D . -2.52 -4.07 8.15
C39 A1AAK D . -3.86 -3.46 7.96
C38 A1AAK D . -3.92 -3.22 6.42
C36 A1AAK D . -3.04 -2.81 3.65
O3 A1AAK D . -3.31 -1.60 3.60
C31 A1AAK D . 0.06 -4.34 2.62
C30 A1AAK D . 0.51 -4.64 1.35
C29 A1AAK D . 0.80 -3.63 0.46
C13 A1AAK D . -1.51 -0.76 -0.37
C14 A1AAK D . -2.64 -0.25 -1.22
C19 A1AAK D . -2.94 1.11 -1.27
C18 A1AAK D . -3.96 1.59 -2.06
C17 A1AAK D . -4.71 0.70 -2.81
C16 A1AAK D . -4.43 -0.66 -2.78
C15 A1AAK D . -3.39 -1.13 -1.98
C20 A1AAK D . -4.26 3.07 -2.10
C21 A1AAK D . -4.11 3.65 -3.52
C22 A1AAK D . -2.75 3.30 -4.13
O A1AAK D . -1.72 3.75 -3.58
C23 A1AAK D . -4.30 5.18 -3.49
C26 A1AAK D . -5.74 5.53 -3.12
N2 A1AAK D . -6.17 6.50 -4.17
C25 A1AAK D . -4.94 7.03 -4.82
C24 A1AAK D . -4.01 5.83 -4.85
H1 A1AAK D . 9.53 3.10 -1.81
H21 A1AAK D . 4.84 -0.47 -4.51
H13 A1AAK D . 8.30 -0.34 -0.04
H14 A1AAK D . 8.74 -0.16 -1.70
H20 A1AAK D . 5.26 1.98 -3.10
H19 A1AAK D . 4.62 1.83 -1.52
H3 A1AAK D . 6.59 -0.07 -2.79
H18 A1AAK D . 7.76 2.18 -2.91
H17 A1AAK D . 6.88 3.19 -1.80
H16 A1AAK D . 10.39 1.31 -0.79
H15 A1AAK D . 9.47 1.68 0.63
H A1AAK D . 6.61 1.45 -0.15
H2 A1AAK D . 8.67 3.48 -0.47
H24 A1AAK D . 2.39 1.29 -1.47
H23 A1AAK D . 0.68 -1.42 -4.31
H22 A1AAK D . 2.89 -1.68 -5.39
H26 A1AAK D . -0.04 1.08 -1.64
H25 A1AAK D . -0.71 0.10 -2.93
H42 A1AAK D . 1.82 -1.48 -0.71
H41 A1AAK D . 1.15 -0.27 0.35
H46 A1AAK D . 0.05 -0.97 2.39
H47 A1AAK D . 0.13 -3.03 5.11
H48 A1AAK D . -0.62 -1.60 4.51
H9 A1AAK D . -1.94 -4.36 4.66
H12 A1AAK D . -2.40 -1.75 6.15
H53 A1AAK D . -0.89 -4.20 6.81
H54 A1AAK D . -0.92 -2.69 7.67
H10 A1AAK D . -2.19 -4.01 9.11
H51 A1AAK D . -3.90 -2.51 8.49
H52 A1AAK D . -4.68 -4.06 8.35
H49 A1AAK D . -4.64 -2.45 6.17
H50 A1AAK D . -4.24 -4.11 5.90
H45 A1AAK D . -0.16 -5.14 3.33
H44 A1AAK D . 0.65 -5.68 1.05
H43 A1AAK D . 1.15 -3.88 -0.54
H28 A1AAK D . -1.33 -0.09 0.47
H27 A1AAK D . -1.84 -1.70 0.07
H32 A1AAK D . -2.34 1.80 -0.68
H31 A1AAK D . -5.52 1.06 -3.44
H30 A1AAK D . -5.02 -1.35 -3.37
H29 A1AAK D . -3.18 -2.20 -1.96
H34 A1AAK D . -3.56 3.60 -1.46
H33 A1AAK D . -5.24 3.26 -1.68
H5 A1AAK D . -4.89 3.22 -4.15
H8 A1AAK D . -3.61 5.59 -2.74
H39 A1AAK D . -5.84 5.97 -2.12
H40 A1AAK D . -6.40 4.67 -3.11
H7 A1AAK D . -6.71 7.24 -3.75
H37 A1AAK D . -5.10 7.49 -5.79
H38 A1AAK D . -4.52 7.83 -4.20
H36 A1AAK D . -4.24 5.18 -5.70
H35 A1AAK D . -2.97 6.10 -4.97
H4 A1AAK D . -0.34 -1.85 -1.64
H11 A1AAK D . -2.58 -5.06 7.92
H6 A1AAK D . -6.76 6.05 -4.87
#